data_1CEO
#
_entry.id   1CEO
#
_cell.length_a   51.400
_cell.length_b   84.330
_cell.length_c   87.500
_cell.angle_alpha   90.00
_cell.angle_beta   90.00
_cell.angle_gamma   90.00
#
_symmetry.space_group_name_H-M   'P 21 21 21'
#
loop_
_entity.id
_entity.type
_entity.pdbx_description
1 polymer 'CELLULASE CELC'
2 water water
#
_entity_poly.entity_id   1
_entity_poly.type   'polypeptide(L)'
_entity_poly.pdbx_seq_one_letter_code
;MVSFKAGINLGGWISQYQVFSKEHFDTFITEKDIETIAEAGFDHVRLPFDYPIIESDDNVGEYKEDGLSYIDRCLEWCKK
YNLGLVLDMHHAPGYRFQDFKTSTLFEDPNQQKRFVDIWRFLAKRYINEREHIAFELLNQVVEPDSTRWNKLMLECIKAI
REIDSTMWLYIGGNNYNSPDELKNLADIDDDYIVYNFHFYNPFFFTHQKAHWSESAMAYNRTVKYPGQYEGIEEFVKNNP
KYSFMMELNNLKLNKELLRKDLKPAIEFREKKKCKLYCGEFGVIAIADLESRIKWHEDYISLLEEYDIGGAVWNYKKMDF
EIYNEDRKPVSQELVNILARRKT
;
_entity_poly.pdbx_strand_id   A
#
# COMPACT_ATOMS: atom_id res chain seq x y z
N MET A 1 8.04 9.81 -20.87
CA MET A 1 6.87 9.05 -20.37
C MET A 1 7.16 8.51 -18.97
N VAL A 2 6.16 8.60 -18.11
CA VAL A 2 6.26 8.13 -16.73
C VAL A 2 5.42 6.85 -16.67
N SER A 3 5.87 5.86 -15.90
CA SER A 3 5.11 4.61 -15.78
C SER A 3 4.89 4.23 -14.31
N PHE A 4 3.84 3.47 -14.06
CA PHE A 4 3.52 3.08 -12.69
C PHE A 4 3.43 1.56 -12.53
N LYS A 5 4.48 0.85 -12.95
CA LYS A 5 4.57 -0.61 -12.91
C LYS A 5 5.47 -1.28 -11.87
N ALA A 6 6.65 -0.72 -11.64
CA ALA A 6 7.63 -1.29 -10.69
C ALA A 6 8.04 -0.24 -9.67
N GLY A 7 7.28 -0.11 -8.59
CA GLY A 7 7.58 0.89 -7.59
C GLY A 7 7.98 0.37 -6.22
N ILE A 8 8.11 1.31 -5.29
CA ILE A 8 8.49 0.97 -3.92
C ILE A 8 7.82 2.01 -3.03
N ASN A 9 7.43 1.59 -1.84
CA ASN A 9 6.75 2.44 -0.88
C ASN A 9 7.73 3.25 -0.05
N LEU A 10 7.29 4.43 0.37
CA LEU A 10 8.06 5.32 1.23
C LEU A 10 7.31 5.46 2.56
N GLY A 11 6.96 4.31 3.13
CA GLY A 11 6.24 4.27 4.40
C GLY A 11 7.15 4.67 5.54
N GLY A 12 6.58 5.17 6.63
CA GLY A 12 7.37 5.57 7.77
C GLY A 12 7.88 7.02 7.75
N TRP A 13 7.71 7.69 6.61
CA TRP A 13 8.15 9.07 6.44
C TRP A 13 7.10 10.04 6.98
N ILE A 14 6.02 10.28 6.23
CA ILE A 14 4.94 11.16 6.70
C ILE A 14 3.66 10.39 7.01
N SER A 15 3.84 9.08 7.21
CA SER A 15 2.77 8.16 7.56
C SER A 15 3.43 7.13 8.49
N GLN A 16 2.74 6.76 9.57
CA GLN A 16 3.26 5.79 10.54
C GLN A 16 4.58 6.21 11.19
N TYR A 17 4.74 7.52 11.37
CA TYR A 17 5.93 8.06 12.01
C TYR A 17 5.77 7.87 13.51
N GLN A 18 6.90 7.71 14.19
CA GLN A 18 6.90 7.51 15.65
C GLN A 18 6.33 8.77 16.31
N VAL A 19 7.10 9.85 16.25
CA VAL A 19 6.72 11.13 16.82
C VAL A 19 6.63 12.16 15.69
N PHE A 20 5.78 13.16 15.89
CA PHE A 20 5.62 14.22 14.90
C PHE A 20 6.86 15.12 15.07
N SER A 21 7.90 14.86 14.29
CA SER A 21 9.10 15.67 14.40
C SER A 21 9.62 16.13 13.05
N LYS A 22 9.90 17.42 12.97
CA LYS A 22 10.42 18.06 11.77
C LYS A 22 11.76 17.46 11.40
N GLU A 23 12.50 17.00 12.40
CA GLU A 23 13.81 16.39 12.19
C GLU A 23 13.63 15.08 11.42
N HIS A 24 12.64 14.32 11.84
CA HIS A 24 12.31 13.04 11.21
C HIS A 24 11.90 13.33 9.76
N PHE A 25 10.92 14.22 9.61
CA PHE A 25 10.40 14.62 8.30
C PHE A 25 11.47 15.14 7.32
N ASP A 26 12.37 15.98 7.81
CA ASP A 26 13.42 16.53 6.95
C ASP A 26 14.51 15.53 6.59
N THR A 27 14.71 14.50 7.43
CA THR A 27 15.80 13.54 7.18
C THR A 27 15.48 12.09 6.75
N PHE A 28 14.31 11.56 7.15
CA PHE A 28 13.97 10.19 6.79
C PHE A 28 14.08 10.00 5.29
N ILE A 29 13.48 10.89 4.52
CA ILE A 29 13.58 10.80 3.07
C ILE A 29 14.10 12.13 2.50
N THR A 30 15.17 12.02 1.72
CA THR A 30 15.78 13.18 1.09
C THR A 30 15.99 12.86 -0.39
N GLU A 31 16.45 13.83 -1.16
CA GLU A 31 16.67 13.65 -2.58
C GLU A 31 17.58 12.47 -2.91
N LYS A 32 18.56 12.21 -2.06
CA LYS A 32 19.50 11.11 -2.28
C LYS A 32 18.76 9.76 -2.35
N ASP A 33 17.69 9.64 -1.57
CA ASP A 33 16.87 8.43 -1.56
C ASP A 33 16.16 8.24 -2.90
N ILE A 34 15.53 9.30 -3.39
CA ILE A 34 14.82 9.25 -4.68
C ILE A 34 15.81 8.92 -5.78
N GLU A 35 17.00 9.49 -5.67
CA GLU A 35 18.03 9.24 -6.66
C GLU A 35 18.39 7.76 -6.68
N THR A 36 18.59 7.18 -5.49
CA THR A 36 18.93 5.76 -5.35
C THR A 36 17.86 4.86 -5.96
N ILE A 37 16.61 5.18 -5.64
CA ILE A 37 15.45 4.44 -6.16
C ILE A 37 15.44 4.50 -7.69
N ALA A 38 15.66 5.70 -8.23
CA ALA A 38 15.67 5.89 -9.68
C ALA A 38 16.80 5.12 -10.35
N GLU A 39 17.99 5.16 -9.75
CA GLU A 39 19.14 4.45 -10.31
C GLU A 39 18.95 2.95 -10.24
N ALA A 40 18.17 2.47 -9.28
CA ALA A 40 17.90 1.04 -9.13
C ALA A 40 17.03 0.50 -10.25
N GLY A 41 16.25 1.38 -10.88
CA GLY A 41 15.38 0.96 -11.96
C GLY A 41 13.89 1.07 -11.70
N PHE A 42 13.49 1.42 -10.48
CA PHE A 42 12.07 1.56 -10.19
C PHE A 42 11.52 2.72 -11.01
N ASP A 43 10.24 2.65 -11.39
CA ASP A 43 9.65 3.73 -12.18
C ASP A 43 8.76 4.70 -11.41
N HIS A 44 8.50 4.40 -10.14
CA HIS A 44 7.65 5.25 -9.33
C HIS A 44 7.76 4.92 -7.83
N VAL A 45 7.22 5.81 -7.01
CA VAL A 45 7.20 5.61 -5.57
C VAL A 45 5.76 5.81 -5.12
N ARG A 46 5.40 5.14 -4.03
CA ARG A 46 4.06 5.28 -3.46
C ARG A 46 4.32 6.00 -2.15
N LEU A 47 3.61 7.10 -1.95
CA LEU A 47 3.80 7.92 -0.77
C LEU A 47 2.60 7.94 0.12
N PRO A 48 2.59 7.10 1.16
CA PRO A 48 1.55 7.14 2.20
C PRO A 48 1.68 8.39 3.07
N PHE A 49 0.55 8.99 3.44
CA PHE A 49 0.60 10.14 4.34
C PHE A 49 -0.60 10.07 5.25
N ASP A 50 -0.43 10.48 6.50
CA ASP A 50 -1.54 10.51 7.46
C ASP A 50 -2.04 11.94 7.50
N TYR A 51 -3.35 12.13 7.58
CA TYR A 51 -3.93 13.47 7.56
C TYR A 51 -3.32 14.58 8.45
N PRO A 52 -2.85 14.27 9.69
CA PRO A 52 -2.33 15.32 10.58
C PRO A 52 -1.15 16.16 10.06
N ILE A 53 -0.39 15.65 9.10
CA ILE A 53 0.73 16.43 8.55
C ILE A 53 0.13 17.60 7.74
N ILE A 54 -1.13 17.45 7.33
CA ILE A 54 -1.82 18.44 6.52
C ILE A 54 -2.93 19.22 7.26
N GLU A 55 -3.70 18.53 8.09
CA GLU A 55 -4.78 19.19 8.82
C GLU A 55 -4.91 18.79 10.29
N SER A 56 -5.00 19.78 11.15
CA SER A 56 -5.17 19.50 12.56
C SER A 56 -6.66 19.48 12.86
N ASP A 57 -7.05 18.62 13.79
CA ASP A 57 -8.45 18.51 14.17
C ASP A 57 -9.01 19.78 14.80
N ASP A 58 -8.11 20.66 15.25
CA ASP A 58 -8.51 21.93 15.87
C ASP A 58 -8.91 22.91 14.78
N ASN A 59 -7.95 23.44 14.04
CA ASN A 59 -8.25 24.36 12.96
C ASN A 59 -8.50 23.57 11.68
N VAL A 60 -9.64 22.89 11.68
CA VAL A 60 -10.06 22.10 10.54
C VAL A 60 -10.23 23.06 9.38
N GLY A 61 -9.86 22.59 8.18
CA GLY A 61 -10.01 23.43 7.01
C GLY A 61 -8.82 24.33 6.75
N GLU A 62 -7.90 24.42 7.70
CA GLU A 62 -6.72 25.26 7.53
C GLU A 62 -5.56 24.30 7.27
N TYR A 63 -5.15 24.22 6.01
CA TYR A 63 -4.07 23.30 5.62
C TYR A 63 -2.66 23.83 5.87
N LYS A 64 -1.88 22.97 6.50
CA LYS A 64 -0.49 23.27 6.85
C LYS A 64 0.45 23.20 5.67
N GLU A 65 0.96 24.37 5.29
CA GLU A 65 1.89 24.48 4.17
C GLU A 65 3.21 23.78 4.52
N ASP A 66 3.51 23.70 5.81
CA ASP A 66 4.73 23.04 6.24
C ASP A 66 4.67 21.53 5.99
N GLY A 67 3.49 20.94 6.15
CA GLY A 67 3.33 19.51 5.89
C GLY A 67 3.29 19.24 4.41
N LEU A 68 2.61 20.13 3.69
CA LEU A 68 2.47 20.04 2.25
C LEU A 68 3.82 20.13 1.56
N SER A 69 4.78 20.82 2.18
CA SER A 69 6.10 20.97 1.58
C SER A 69 6.81 19.64 1.39
N TYR A 70 6.53 18.68 2.26
CA TYR A 70 7.15 17.37 2.14
C TYR A 70 6.66 16.67 0.89
N ILE A 71 5.39 16.86 0.57
CA ILE A 71 4.80 16.27 -0.63
C ILE A 71 5.29 17.01 -1.86
N ASP A 72 5.27 18.34 -1.80
CA ASP A 72 5.73 19.15 -2.93
C ASP A 72 7.17 18.80 -3.31
N ARG A 73 8.05 18.76 -2.32
CA ARG A 73 9.44 18.45 -2.61
C ARG A 73 9.64 17.05 -3.17
N CYS A 74 8.87 16.08 -2.68
CA CYS A 74 8.99 14.72 -3.19
C CYS A 74 8.58 14.71 -4.67
N LEU A 75 7.57 15.51 -5.03
CA LEU A 75 7.12 15.60 -6.41
C LEU A 75 8.24 16.16 -7.26
N GLU A 76 8.95 17.13 -6.72
CA GLU A 76 10.08 17.75 -7.43
C GLU A 76 11.15 16.70 -7.73
N TRP A 77 11.58 16.00 -6.68
CA TRP A 77 12.62 14.96 -6.83
C TRP A 77 12.17 13.93 -7.85
N CYS A 78 10.90 13.55 -7.81
CA CYS A 78 10.37 12.57 -8.76
C CYS A 78 10.40 13.12 -10.18
N LYS A 79 10.01 14.37 -10.36
CA LYS A 79 10.03 14.97 -11.69
C LYS A 79 11.46 15.01 -12.18
N LYS A 80 12.38 15.26 -11.25
CA LYS A 80 13.80 15.32 -11.59
C LYS A 80 14.37 14.00 -12.06
N TYR A 81 13.94 12.89 -11.45
CA TYR A 81 14.44 11.58 -11.84
C TYR A 81 13.50 10.74 -12.70
N ASN A 82 12.51 11.41 -13.29
CA ASN A 82 11.49 10.79 -14.15
C ASN A 82 10.71 9.65 -13.53
N LEU A 83 10.32 9.84 -12.27
CA LEU A 83 9.57 8.86 -11.53
C LEU A 83 8.12 9.34 -11.33
N GLY A 84 7.21 8.38 -11.23
CA GLY A 84 5.82 8.70 -10.96
C GLY A 84 5.66 8.73 -9.45
N LEU A 85 4.57 9.33 -8.98
CA LEU A 85 4.32 9.44 -7.54
C LEU A 85 2.85 9.13 -7.29
N VAL A 86 2.58 8.09 -6.50
CA VAL A 86 1.21 7.77 -6.16
C VAL A 86 1.00 8.31 -4.73
N LEU A 87 0.24 9.40 -4.61
CA LEU A 87 -0.03 10.03 -3.32
C LEU A 87 -1.16 9.24 -2.65
N ASP A 88 -0.86 8.64 -1.51
CA ASP A 88 -1.81 7.77 -0.85
C ASP A 88 -2.22 8.17 0.56
N MET A 89 -3.52 8.39 0.79
CA MET A 89 -3.96 8.74 2.13
C MET A 89 -4.10 7.48 2.99
N HIS A 90 -3.23 7.38 3.99
CA HIS A 90 -3.21 6.24 4.87
C HIS A 90 -4.26 6.38 5.97
N HIS A 91 -4.08 7.37 6.82
CA HIS A 91 -5.05 7.60 7.87
C HIS A 91 -5.89 8.82 7.52
N ALA A 92 -7.20 8.60 7.36
CA ALA A 92 -8.14 9.66 7.03
C ALA A 92 -8.62 10.28 8.33
N PRO A 93 -9.32 11.42 8.26
CA PRO A 93 -10.02 11.93 9.43
C PRO A 93 -11.03 10.92 9.99
N GLY A 94 -10.93 10.65 11.30
CA GLY A 94 -11.83 9.72 11.96
C GLY A 94 -11.27 8.31 12.12
N SER A 103 -12.82 3.98 15.01
CA SER A 103 -12.84 4.84 13.79
C SER A 103 -14.27 5.31 13.53
N THR A 104 -14.43 6.61 13.33
CA THR A 104 -15.75 7.21 13.14
C THR A 104 -16.03 7.82 11.76
N LEU A 105 -15.08 7.72 10.83
CA LEU A 105 -15.25 8.28 9.50
C LEU A 105 -16.59 7.98 8.84
N PHE A 106 -17.01 6.72 8.87
CA PHE A 106 -18.26 6.33 8.24
C PHE A 106 -19.48 6.56 9.10
N GLU A 107 -19.25 7.09 10.29
CA GLU A 107 -20.29 7.38 11.25
C GLU A 107 -20.59 8.88 11.30
N ASP A 108 -19.53 9.67 11.25
CA ASP A 108 -19.58 11.12 11.35
C ASP A 108 -19.40 11.86 10.02
N PRO A 109 -20.48 12.46 9.47
CA PRO A 109 -20.44 13.26 8.25
C PRO A 109 -19.44 14.41 8.27
N ASN A 110 -19.03 14.85 9.45
CA ASN A 110 -18.04 15.93 9.56
C ASN A 110 -16.70 15.37 9.15
N GLN A 111 -16.45 14.11 9.52
CA GLN A 111 -15.22 13.43 9.16
C GLN A 111 -15.25 13.20 7.66
N GLN A 112 -16.42 12.86 7.13
CA GLN A 112 -16.58 12.64 5.70
C GLN A 112 -16.33 13.91 4.91
N LYS A 113 -16.81 15.03 5.43
CA LYS A 113 -16.67 16.35 4.82
C LYS A 113 -15.18 16.73 4.72
N ARG A 114 -14.45 16.60 5.81
CA ARG A 114 -13.02 16.93 5.84
C ARG A 114 -12.22 16.07 4.85
N PHE A 115 -12.55 14.78 4.78
CA PHE A 115 -11.88 13.82 3.89
C PHE A 115 -12.00 14.28 2.43
N VAL A 116 -13.22 14.62 2.04
CA VAL A 116 -13.49 15.09 0.68
C VAL A 116 -12.81 16.44 0.43
N ASP A 117 -12.87 17.33 1.41
CA ASP A 117 -12.25 18.63 1.27
C ASP A 117 -10.76 18.55 1.09
N ILE A 118 -10.11 17.63 1.79
CA ILE A 118 -8.67 17.46 1.67
C ILE A 118 -8.31 17.03 0.26
N TRP A 119 -9.10 16.13 -0.33
CA TRP A 119 -8.81 15.68 -1.68
C TRP A 119 -9.11 16.78 -2.71
N ARG A 120 -10.14 17.58 -2.46
CA ARG A 120 -10.52 18.69 -3.33
C ARG A 120 -9.35 19.69 -3.35
N PHE A 121 -8.77 19.92 -2.18
CA PHE A 121 -7.65 20.83 -2.05
C PHE A 121 -6.41 20.31 -2.78
N LEU A 122 -6.09 19.04 -2.63
CA LEU A 122 -4.90 18.47 -3.29
C LEU A 122 -5.04 18.44 -4.81
N ALA A 123 -6.25 18.16 -5.28
CA ALA A 123 -6.52 18.13 -6.73
C ALA A 123 -6.25 19.51 -7.32
N LYS A 124 -6.60 20.55 -6.57
CA LYS A 124 -6.36 21.92 -7.00
C LYS A 124 -4.88 22.23 -6.96
N ARG A 125 -4.26 21.96 -5.82
CA ARG A 125 -2.85 22.22 -5.65
C ARG A 125 -1.96 21.62 -6.72
N TYR A 126 -2.29 20.42 -7.20
CA TYR A 126 -1.46 19.77 -8.20
C TYR A 126 -2.05 19.72 -9.58
N ILE A 127 -3.03 20.58 -9.85
CA ILE A 127 -3.73 20.64 -11.14
C ILE A 127 -2.84 20.73 -12.41
N ASN A 128 -1.69 21.38 -12.30
CA ASN A 128 -0.82 21.50 -13.47
C ASN A 128 0.11 20.32 -13.69
N GLU A 129 0.20 19.43 -12.72
CA GLU A 129 1.03 18.23 -12.85
C GLU A 129 0.16 17.16 -13.49
N ARG A 130 0.42 16.90 -14.77
CA ARG A 130 -0.36 15.94 -15.53
C ARG A 130 0.17 14.52 -15.68
N GLU A 131 1.46 14.30 -15.49
CA GLU A 131 1.94 12.93 -15.67
C GLU A 131 2.74 12.27 -14.58
N HIS A 132 3.18 13.03 -13.58
CA HIS A 132 3.98 12.44 -12.50
C HIS A 132 3.22 12.12 -11.23
N ILE A 133 1.95 12.46 -11.15
CA ILE A 133 1.21 12.22 -9.91
C ILE A 133 -0.14 11.51 -10.09
N ALA A 134 -0.47 10.65 -9.14
CA ALA A 134 -1.73 9.93 -9.14
C ALA A 134 -2.21 9.97 -7.69
N PHE A 135 -3.51 9.88 -7.49
CA PHE A 135 -4.08 9.94 -6.16
C PHE A 135 -4.65 8.59 -5.77
N GLU A 136 -4.35 8.13 -4.56
CA GLU A 136 -4.88 6.88 -4.02
C GLU A 136 -5.67 7.37 -2.79
N LEU A 137 -7.00 7.34 -2.92
CA LEU A 137 -7.94 7.86 -1.92
C LEU A 137 -7.88 7.46 -0.45
N LEU A 138 -7.91 6.15 -0.16
CA LEU A 138 -7.88 5.72 1.23
C LEU A 138 -7.39 4.29 1.35
N ASN A 139 -6.58 4.05 2.38
CA ASN A 139 -6.03 2.72 2.66
C ASN A 139 -6.82 1.90 3.69
N GLN A 140 -7.07 2.52 4.84
CA GLN A 140 -7.77 1.86 5.91
C GLN A 140 -9.27 1.67 5.76
N VAL A 141 -9.70 0.63 5.07
CA VAL A 141 -11.14 0.34 4.98
C VAL A 141 -11.41 -1.05 5.56
N VAL A 142 -11.99 -1.07 6.74
CA VAL A 142 -12.34 -2.32 7.42
C VAL A 142 -13.78 -2.14 7.93
N GLU A 143 -14.74 -2.56 7.12
CA GLU A 143 -16.15 -2.41 7.45
C GLU A 143 -16.88 -3.75 7.34
N PRO A 144 -18.04 -3.90 8.01
CA PRO A 144 -18.89 -5.08 7.82
C PRO A 144 -19.24 -5.34 6.37
N ASP A 145 -19.48 -4.28 5.62
CA ASP A 145 -19.76 -4.37 4.20
C ASP A 145 -19.28 -3.07 3.53
N SER A 146 -19.36 -3.01 2.21
CA SER A 146 -18.88 -1.84 1.47
C SER A 146 -19.88 -0.72 1.25
N THR A 147 -21.09 -0.83 1.77
CA THR A 147 -22.10 0.19 1.53
C THR A 147 -21.71 1.62 1.87
N ARG A 148 -21.12 1.81 3.04
CA ARG A 148 -20.73 3.14 3.46
C ARG A 148 -19.48 3.66 2.76
N TRP A 149 -18.54 2.76 2.47
CA TRP A 149 -17.33 3.17 1.76
C TRP A 149 -17.72 3.54 0.32
N ASN A 150 -18.62 2.77 -0.28
CA ASN A 150 -19.05 3.04 -1.64
C ASN A 150 -19.67 4.42 -1.79
N LYS A 151 -20.43 4.80 -0.78
CA LYS A 151 -21.10 6.09 -0.76
C LYS A 151 -20.06 7.22 -0.70
N LEU A 152 -19.12 7.11 0.24
CA LEU A 152 -18.09 8.13 0.39
C LEU A 152 -17.17 8.20 -0.81
N MET A 153 -16.79 7.04 -1.33
CA MET A 153 -15.89 6.96 -2.48
C MET A 153 -16.48 7.65 -3.69
N LEU A 154 -17.78 7.43 -3.92
CA LEU A 154 -18.46 8.07 -5.06
C LEU A 154 -18.51 9.61 -4.92
N GLU A 155 -18.79 10.10 -3.72
CA GLU A 155 -18.82 11.54 -3.48
C GLU A 155 -17.42 12.12 -3.71
N CYS A 156 -16.41 11.43 -3.19
CA CYS A 156 -15.04 11.88 -3.33
C CYS A 156 -14.62 11.94 -4.79
N ILE A 157 -14.94 10.89 -5.54
CA ILE A 157 -14.61 10.85 -6.96
C ILE A 157 -15.30 12.02 -7.66
N LYS A 158 -16.57 12.24 -7.33
CA LYS A 158 -17.36 13.32 -7.90
C LYS A 158 -16.74 14.68 -7.64
N ALA A 159 -16.41 14.93 -6.38
CA ALA A 159 -15.81 16.19 -5.97
C ALA A 159 -14.53 16.44 -6.73
N ILE A 160 -13.67 15.43 -6.81
CA ILE A 160 -12.40 15.55 -7.53
C ILE A 160 -12.62 15.80 -9.03
N ARG A 161 -13.57 15.09 -9.64
CA ARG A 161 -13.85 15.25 -11.07
C ARG A 161 -14.35 16.65 -11.48
N GLU A 162 -14.93 17.39 -10.55
CA GLU A 162 -15.39 18.75 -10.84
C GLU A 162 -14.19 19.65 -11.04
N ILE A 163 -13.08 19.29 -10.40
CA ILE A 163 -11.85 20.04 -10.47
C ILE A 163 -10.88 19.49 -11.52
N ASP A 164 -10.74 18.18 -11.58
CA ASP A 164 -9.81 17.52 -12.49
C ASP A 164 -10.46 16.28 -13.14
N SER A 165 -10.82 16.39 -14.40
CA SER A 165 -11.47 15.30 -15.10
C SER A 165 -10.59 14.15 -15.55
N THR A 166 -9.27 14.34 -15.59
CA THR A 166 -8.41 13.27 -16.06
C THR A 166 -7.37 12.79 -15.05
N MET A 167 -7.42 13.27 -13.82
CA MET A 167 -6.47 12.82 -12.80
C MET A 167 -6.72 11.33 -12.53
N TRP A 168 -5.67 10.52 -12.58
CA TRP A 168 -5.80 9.07 -12.29
C TRP A 168 -6.04 8.84 -10.81
N LEU A 169 -7.10 8.10 -10.50
CA LEU A 169 -7.43 7.81 -9.11
C LEU A 169 -7.29 6.30 -8.85
N TYR A 170 -6.64 5.96 -7.74
CA TYR A 170 -6.42 4.57 -7.33
C TYR A 170 -7.43 4.24 -6.23
N ILE A 171 -8.30 3.28 -6.52
CA ILE A 171 -9.37 2.92 -5.59
C ILE A 171 -9.29 1.47 -5.13
N GLY A 172 -9.32 1.26 -3.81
CA GLY A 172 -9.26 -0.07 -3.24
C GLY A 172 -10.56 -0.44 -2.53
N GLY A 173 -10.72 -1.71 -2.18
CA GLY A 173 -11.93 -2.13 -1.51
C GLY A 173 -11.83 -2.29 0.00
N ASN A 174 -12.85 -2.91 0.56
CA ASN A 174 -12.99 -3.19 1.98
C ASN A 174 -11.98 -4.26 2.44
N ASN A 175 -11.87 -4.46 3.74
CA ASN A 175 -10.98 -5.47 4.31
C ASN A 175 -9.51 -5.18 3.95
N TYR A 176 -9.09 -3.93 4.14
CA TYR A 176 -7.72 -3.48 3.82
C TYR A 176 -7.35 -3.68 2.34
N ASN A 177 -8.26 -3.31 1.44
CA ASN A 177 -8.03 -3.46 0.00
C ASN A 177 -7.74 -4.91 -0.37
N SER A 178 -8.57 -5.83 0.11
CA SER A 178 -8.42 -7.23 -0.21
C SER A 178 -8.76 -7.47 -1.69
N PRO A 179 -8.03 -8.37 -2.38
CA PRO A 179 -8.35 -8.64 -3.78
C PRO A 179 -9.75 -9.19 -4.02
N ASP A 180 -10.36 -9.80 -3.01
CA ASP A 180 -11.70 -10.32 -3.22
C ASP A 180 -12.81 -9.33 -2.84
N GLU A 181 -12.42 -8.11 -2.47
CA GLU A 181 -13.39 -7.10 -2.11
C GLU A 181 -13.59 -6.11 -3.24
N LEU A 182 -12.83 -6.25 -4.32
CA LEU A 182 -12.96 -5.38 -5.47
C LEU A 182 -14.36 -5.53 -6.06
N LYS A 183 -14.87 -6.76 -6.05
CA LYS A 183 -16.19 -7.05 -6.59
C LYS A 183 -17.33 -6.39 -5.82
N ASN A 184 -17.03 -5.92 -4.61
CA ASN A 184 -18.05 -5.27 -3.80
C ASN A 184 -18.04 -3.74 -3.94
N LEU A 185 -17.17 -3.22 -4.80
CA LEU A 185 -17.10 -1.79 -5.04
C LEU A 185 -18.21 -1.37 -6.01
N ALA A 186 -18.72 -0.15 -5.82
CA ALA A 186 -19.76 0.38 -6.69
C ALA A 186 -19.15 0.59 -8.06
N ASP A 187 -19.98 0.48 -9.11
CA ASP A 187 -19.50 0.69 -10.46
C ASP A 187 -19.27 2.16 -10.73
N ILE A 188 -18.04 2.47 -11.12
CA ILE A 188 -17.65 3.84 -11.43
C ILE A 188 -17.51 3.94 -12.94
N ASP A 189 -18.34 4.76 -13.56
CA ASP A 189 -18.20 4.93 -14.99
C ASP A 189 -17.18 6.05 -15.09
N ASP A 190 -15.92 5.66 -15.22
CA ASP A 190 -14.82 6.60 -15.28
C ASP A 190 -13.66 5.83 -15.89
N ASP A 191 -12.95 6.49 -16.80
CA ASP A 191 -11.82 5.84 -17.47
C ASP A 191 -10.49 6.08 -16.82
N TYR A 192 -10.45 6.96 -15.84
CA TYR A 192 -9.19 7.26 -15.17
C TYR A 192 -9.15 6.71 -13.76
N ILE A 193 -9.46 5.41 -13.66
CA ILE A 193 -9.50 4.71 -12.37
C ILE A 193 -8.62 3.48 -12.45
N VAL A 194 -7.88 3.19 -11.39
CA VAL A 194 -7.04 2.00 -11.33
C VAL A 194 -7.49 1.32 -10.04
N TYR A 195 -7.71 0.02 -10.08
CA TYR A 195 -8.17 -0.69 -8.89
C TYR A 195 -7.00 -1.26 -8.13
N ASN A 196 -6.98 -0.95 -6.83
CA ASN A 196 -5.91 -1.36 -5.95
C ASN A 196 -6.24 -2.52 -5.02
N PHE A 197 -5.24 -3.35 -4.73
CA PHE A 197 -5.40 -4.43 -3.75
C PHE A 197 -4.03 -4.65 -3.12
N HIS A 198 -4.02 -5.13 -1.89
CA HIS A 198 -2.75 -5.40 -1.22
C HIS A 198 -2.56 -6.90 -1.19
N PHE A 199 -1.34 -7.38 -0.98
CA PHE A 199 -1.11 -8.82 -1.00
C PHE A 199 0.01 -9.23 -0.07
N TYR A 200 -0.34 -9.94 1.00
CA TYR A 200 0.62 -10.42 1.99
C TYR A 200 0.44 -11.91 2.28
N ASN A 201 -0.15 -12.65 1.34
CA ASN A 201 -0.37 -14.10 1.50
C ASN A 201 0.97 -14.84 1.28
N PRO A 202 1.24 -15.95 2.03
CA PRO A 202 0.56 -16.44 3.24
C PRO A 202 0.95 -15.54 4.40
N PHE A 203 -0.05 -15.04 5.12
CA PHE A 203 0.16 -14.13 6.23
C PHE A 203 1.16 -14.56 7.29
N PHE A 204 1.11 -15.81 7.72
CA PHE A 204 2.05 -16.25 8.75
C PHE A 204 3.45 -16.46 8.22
N PHE A 205 3.61 -16.34 6.91
CA PHE A 205 4.95 -16.38 6.33
C PHE A 205 5.40 -14.90 6.22
N THR A 206 4.60 -14.06 5.54
CA THR A 206 4.99 -12.66 5.35
C THR A 206 5.08 -11.84 6.63
N HIS A 207 4.31 -12.22 7.66
CA HIS A 207 4.33 -11.52 8.95
C HIS A 207 4.78 -12.41 10.09
N GLN A 208 5.58 -13.43 9.81
CA GLN A 208 6.06 -14.31 10.86
C GLN A 208 6.75 -13.49 11.96
N LYS A 209 6.32 -13.70 13.19
CA LYS A 209 6.89 -12.98 14.34
C LYS A 209 6.71 -11.47 14.34
N ALA A 210 5.71 -10.97 13.58
CA ALA A 210 5.45 -9.53 13.53
C ALA A 210 4.96 -9.12 14.92
N HIS A 211 5.72 -8.26 15.59
CA HIS A 211 5.37 -7.84 16.94
C HIS A 211 4.02 -7.15 17.11
N TRP A 212 3.51 -6.59 16.02
CA TRP A 212 2.22 -5.89 16.05
C TRP A 212 1.04 -6.81 15.74
N SER A 213 1.30 -8.08 15.49
CA SER A 213 0.22 -9.04 15.21
C SER A 213 0.14 -10.01 16.37
N GLU A 214 -0.97 -9.95 17.10
CA GLU A 214 -1.20 -10.81 18.25
C GLU A 214 -1.11 -12.31 17.90
N SER A 215 -1.83 -12.74 16.88
CA SER A 215 -1.82 -14.14 16.49
C SER A 215 -0.44 -14.59 16.03
N ALA A 216 0.25 -13.74 15.26
CA ALA A 216 1.59 -14.05 14.77
C ALA A 216 2.57 -14.14 15.92
N MET A 217 2.35 -13.29 16.92
CA MET A 217 3.20 -13.26 18.10
C MET A 217 2.95 -14.48 18.98
N ALA A 218 1.69 -14.91 19.05
CA ALA A 218 1.35 -16.09 19.84
C ALA A 218 1.94 -17.35 19.19
N TYR A 219 1.79 -17.45 17.87
CA TYR A 219 2.29 -18.57 17.07
C TYR A 219 3.83 -18.60 17.18
N ASN A 220 4.44 -17.41 17.08
CA ASN A 220 5.88 -17.25 17.22
C ASN A 220 6.68 -18.36 16.56
N ARG A 221 6.52 -18.50 15.26
CA ARG A 221 7.22 -19.54 14.55
C ARG A 221 7.85 -19.09 13.26
N THR A 222 9.03 -19.63 12.97
CA THR A 222 9.74 -19.33 11.74
C THR A 222 9.07 -20.18 10.66
N VAL A 223 8.92 -19.62 9.46
CA VAL A 223 8.29 -20.32 8.36
C VAL A 223 9.13 -20.08 7.12
N LYS A 224 9.30 -21.12 6.30
CA LYS A 224 10.08 -20.98 5.09
C LYS A 224 9.18 -20.98 3.89
N TYR A 225 9.69 -20.49 2.77
CA TYR A 225 8.94 -20.46 1.53
C TYR A 225 9.89 -20.84 0.40
N PRO A 226 9.51 -21.80 -0.45
CA PRO A 226 8.31 -22.65 -0.37
C PRO A 226 8.40 -23.52 0.89
N GLY A 227 7.29 -24.07 1.33
CA GLY A 227 7.34 -24.87 2.54
C GLY A 227 5.97 -25.25 3.03
N GLN A 228 5.79 -25.22 4.33
CA GLN A 228 4.52 -25.62 4.93
C GLN A 228 4.45 -25.07 6.35
N TYR A 229 3.23 -24.76 6.82
CA TYR A 229 3.06 -24.27 8.20
C TYR A 229 3.23 -25.50 9.09
N GLU A 230 4.03 -25.38 10.15
CA GLU A 230 4.26 -26.51 11.03
C GLU A 230 3.77 -26.27 12.43
N GLY A 231 3.38 -27.34 13.10
CA GLY A 231 2.93 -27.24 14.47
C GLY A 231 1.67 -26.45 14.77
N ILE A 232 0.81 -26.27 13.77
CA ILE A 232 -0.43 -25.52 13.98
C ILE A 232 -1.35 -26.25 14.95
N GLU A 233 -1.46 -27.56 14.78
CA GLU A 233 -2.32 -28.38 15.65
C GLU A 233 -1.83 -28.33 17.09
N GLU A 234 -0.53 -28.37 17.27
CA GLU A 234 0.08 -28.30 18.59
C GLU A 234 -0.14 -26.91 19.19
N PHE A 235 -0.03 -25.87 18.37
CA PHE A 235 -0.22 -24.50 18.83
C PHE A 235 -1.67 -24.24 19.28
N VAL A 236 -2.61 -24.75 18.50
CA VAL A 236 -4.03 -24.55 18.84
C VAL A 236 -4.42 -25.26 20.14
N LYS A 237 -3.82 -26.42 20.37
CA LYS A 237 -4.05 -27.20 21.57
C LYS A 237 -3.72 -26.39 22.83
N ASN A 238 -2.63 -25.64 22.76
CA ASN A 238 -2.19 -24.80 23.86
C ASN A 238 -2.92 -23.46 23.90
N ASN A 239 -3.42 -23.02 22.76
CA ASN A 239 -4.06 -21.72 22.67
C ASN A 239 -5.39 -21.80 21.94
N PRO A 240 -6.43 -22.26 22.64
CA PRO A 240 -7.76 -22.40 22.05
C PRO A 240 -8.38 -21.10 21.53
N LYS A 241 -7.84 -19.96 21.97
CA LYS A 241 -8.30 -18.67 21.50
C LYS A 241 -8.01 -18.51 20.01
N TYR A 242 -7.02 -19.22 19.51
CA TYR A 242 -6.66 -19.14 18.10
C TYR A 242 -7.08 -20.36 17.32
N SER A 243 -8.20 -20.96 17.73
CA SER A 243 -8.71 -22.16 17.08
C SER A 243 -8.91 -22.02 15.58
N PHE A 244 -9.30 -20.82 15.13
CA PHE A 244 -9.53 -20.57 13.70
C PHE A 244 -8.32 -20.91 12.85
N MET A 245 -7.14 -20.95 13.47
CA MET A 245 -5.93 -21.26 12.73
C MET A 245 -5.85 -22.71 12.28
N MET A 246 -6.74 -23.54 12.82
CA MET A 246 -6.78 -24.95 12.45
C MET A 246 -7.03 -25.10 10.95
N GLU A 247 -7.66 -24.10 10.33
CA GLU A 247 -7.93 -24.12 8.90
C GLU A 247 -6.63 -24.13 8.10
N LEU A 248 -5.58 -23.58 8.70
CA LEU A 248 -4.27 -23.47 8.05
C LEU A 248 -3.36 -24.66 8.33
N ASN A 249 -3.84 -25.62 9.12
CA ASN A 249 -3.05 -26.79 9.47
C ASN A 249 -2.36 -27.48 8.29
N ASN A 250 -1.04 -27.53 8.36
CA ASN A 250 -0.19 -28.14 7.32
C ASN A 250 -0.33 -27.55 5.92
N LEU A 251 -0.76 -26.31 5.82
CA LEU A 251 -0.92 -25.65 4.52
C LEU A 251 0.41 -25.60 3.76
N LYS A 252 0.38 -25.98 2.48
CA LYS A 252 1.58 -25.98 1.64
C LYS A 252 1.72 -24.59 1.04
N LEU A 253 2.89 -24.00 1.21
CA LEU A 253 3.17 -22.66 0.69
C LEU A 253 4.01 -22.79 -0.56
N ASN A 254 3.44 -22.40 -1.69
CA ASN A 254 4.12 -22.50 -2.96
C ASN A 254 3.52 -21.48 -3.93
N LYS A 255 4.07 -21.43 -5.14
CA LYS A 255 3.61 -20.49 -6.16
C LYS A 255 2.16 -20.65 -6.56
N GLU A 256 1.67 -21.88 -6.57
CA GLU A 256 0.28 -22.12 -6.94
C GLU A 256 -0.68 -21.58 -5.89
N LEU A 257 -0.25 -21.55 -4.63
CA LEU A 257 -1.05 -20.99 -3.55
C LEU A 257 -1.16 -19.49 -3.83
N LEU A 258 -0.04 -18.85 -4.15
CA LEU A 258 -0.08 -17.42 -4.46
C LEU A 258 -1.01 -17.14 -5.64
N ARG A 259 -0.93 -17.96 -6.68
CA ARG A 259 -1.80 -17.77 -7.86
C ARG A 259 -3.27 -17.89 -7.49
N LYS A 260 -3.58 -18.83 -6.61
CA LYS A 260 -4.95 -19.01 -6.16
C LYS A 260 -5.44 -17.77 -5.41
N ASP A 261 -4.59 -17.19 -4.55
CA ASP A 261 -4.95 -15.99 -3.77
C ASP A 261 -5.13 -14.73 -4.61
N LEU A 262 -4.49 -14.72 -5.77
CA LEU A 262 -4.53 -13.61 -6.70
C LEU A 262 -5.74 -13.69 -7.64
N LYS A 263 -6.27 -14.90 -7.80
CA LYS A 263 -7.42 -15.19 -8.67
C LYS A 263 -8.60 -14.21 -8.62
N PRO A 264 -9.06 -13.83 -7.43
CA PRO A 264 -10.22 -12.93 -7.34
C PRO A 264 -10.01 -11.60 -8.06
N ALA A 265 -8.78 -11.08 -8.03
CA ALA A 265 -8.47 -9.83 -8.71
C ALA A 265 -8.50 -10.03 -10.22
N ILE A 266 -7.98 -11.16 -10.68
CA ILE A 266 -7.94 -11.47 -12.11
C ILE A 266 -9.37 -11.61 -12.66
N GLU A 267 -10.23 -12.30 -11.91
CA GLU A 267 -11.61 -12.49 -12.33
C GLU A 267 -12.37 -11.17 -12.39
N PHE A 268 -12.10 -10.29 -11.44
CA PHE A 268 -12.74 -8.99 -11.41
C PHE A 268 -12.34 -8.20 -12.67
N ARG A 269 -11.06 -8.23 -13.00
CA ARG A 269 -10.59 -7.51 -14.15
C ARG A 269 -11.17 -8.09 -15.42
N GLU A 270 -11.33 -9.41 -15.48
CA GLU A 270 -11.87 -10.03 -16.69
C GLU A 270 -13.29 -9.52 -16.99
N LYS A 271 -14.00 -9.13 -15.94
CA LYS A 271 -15.35 -8.60 -16.08
C LYS A 271 -15.35 -7.09 -16.37
N LYS A 272 -14.64 -6.35 -15.54
CA LYS A 272 -14.55 -4.90 -15.66
C LYS A 272 -13.65 -4.37 -16.76
N LYS A 273 -12.71 -5.19 -17.23
CA LYS A 273 -11.76 -4.76 -18.27
C LYS A 273 -10.98 -3.52 -17.78
N CYS A 274 -10.72 -3.46 -16.49
CA CYS A 274 -10.02 -2.34 -15.87
C CYS A 274 -8.52 -2.56 -15.69
N LYS A 275 -7.84 -1.61 -15.07
CA LYS A 275 -6.41 -1.71 -14.77
C LYS A 275 -6.29 -2.08 -13.29
N LEU A 276 -5.36 -2.98 -12.98
CA LEU A 276 -5.15 -3.39 -11.61
C LEU A 276 -3.80 -2.90 -11.11
N TYR A 277 -3.70 -2.74 -9.80
CA TYR A 277 -2.46 -2.29 -9.17
C TYR A 277 -2.37 -2.90 -7.76
N CYS A 278 -1.19 -3.38 -7.41
CA CYS A 278 -0.94 -3.96 -6.09
C CYS A 278 -0.07 -2.95 -5.34
N GLY A 279 -0.71 -2.07 -4.58
CA GLY A 279 0.00 -1.02 -3.88
C GLY A 279 0.92 -1.41 -2.77
N GLU A 280 0.73 -2.61 -2.21
CA GLU A 280 1.57 -3.07 -1.10
C GLU A 280 1.66 -4.58 -1.10
N PHE A 281 2.88 -5.09 -0.99
CA PHE A 281 3.13 -6.53 -0.92
C PHE A 281 4.54 -6.63 -0.38
N GLY A 282 4.84 -7.69 0.35
CA GLY A 282 6.19 -7.81 0.88
C GLY A 282 6.32 -8.88 1.93
N VAL A 283 7.54 -9.06 2.44
CA VAL A 283 7.87 -10.06 3.46
C VAL A 283 8.71 -9.41 4.57
N ILE A 284 8.37 -9.71 5.82
CA ILE A 284 9.08 -9.15 6.98
C ILE A 284 10.58 -9.42 6.85
N ALA A 285 11.40 -8.41 7.15
CA ALA A 285 12.84 -8.54 6.99
C ALA A 285 13.54 -9.63 7.81
N ILE A 286 12.93 -10.05 8.90
CA ILE A 286 13.56 -11.07 9.73
C ILE A 286 13.39 -12.49 9.19
N ALA A 287 12.66 -12.65 8.08
CA ALA A 287 12.47 -13.97 7.46
C ALA A 287 13.82 -14.36 6.88
N ASP A 288 14.06 -15.66 6.71
CA ASP A 288 15.35 -16.05 6.15
C ASP A 288 15.45 -15.47 4.74
N LEU A 289 16.63 -14.98 4.42
CA LEU A 289 16.88 -14.34 3.13
C LEU A 289 16.44 -15.13 1.91
N GLU A 290 16.79 -16.41 1.86
CA GLU A 290 16.44 -17.23 0.71
C GLU A 290 14.93 -17.29 0.48
N SER A 291 14.17 -17.49 1.54
CA SER A 291 12.72 -17.55 1.45
C SER A 291 12.18 -16.18 1.06
N ARG A 292 12.76 -15.13 1.64
CA ARG A 292 12.33 -13.78 1.38
C ARG A 292 12.50 -13.47 -0.11
N ILE A 293 13.63 -13.82 -0.67
CA ILE A 293 13.87 -13.57 -2.07
C ILE A 293 12.94 -14.39 -2.97
N LYS A 294 12.76 -15.67 -2.62
CA LYS A 294 11.92 -16.57 -3.40
C LYS A 294 10.45 -16.14 -3.48
N TRP A 295 9.90 -15.66 -2.37
CA TRP A 295 8.51 -15.19 -2.37
C TRP A 295 8.35 -14.02 -3.34
N HIS A 296 9.25 -13.04 -3.28
CA HIS A 296 9.18 -11.90 -4.18
C HIS A 296 9.33 -12.30 -5.63
N GLU A 297 10.27 -13.18 -5.91
CA GLU A 297 10.51 -13.66 -7.27
C GLU A 297 9.22 -14.30 -7.85
N ASP A 298 8.58 -15.16 -7.06
CA ASP A 298 7.34 -15.84 -7.48
C ASP A 298 6.18 -14.88 -7.65
N TYR A 299 6.00 -13.99 -6.67
CA TYR A 299 4.93 -13.01 -6.73
C TYR A 299 5.13 -12.03 -7.91
N ILE A 300 6.34 -11.50 -8.07
CA ILE A 300 6.63 -10.59 -9.18
C ILE A 300 6.38 -11.31 -10.50
N SER A 301 6.76 -12.58 -10.60
CA SER A 301 6.53 -13.30 -11.85
C SER A 301 5.03 -13.41 -12.14
N LEU A 302 4.21 -13.51 -11.10
CA LEU A 302 2.75 -13.57 -11.31
C LEU A 302 2.23 -12.21 -11.78
N LEU A 303 2.75 -11.13 -11.19
CA LEU A 303 2.35 -9.78 -11.56
C LEU A 303 2.73 -9.51 -13.01
N GLU A 304 3.92 -9.94 -13.41
CA GLU A 304 4.37 -9.76 -14.80
C GLU A 304 3.56 -10.62 -15.78
N GLU A 305 3.20 -11.83 -15.37
CA GLU A 305 2.40 -12.73 -16.19
C GLU A 305 1.03 -12.15 -16.47
N TYR A 306 0.45 -11.49 -15.46
CA TYR A 306 -0.87 -10.90 -15.59
C TYR A 306 -0.88 -9.40 -15.86
N ASP A 307 0.29 -8.83 -16.11
CA ASP A 307 0.46 -7.39 -16.36
C ASP A 307 -0.22 -6.51 -15.31
N ILE A 308 0.26 -6.63 -14.08
CA ILE A 308 -0.27 -5.88 -12.97
C ILE A 308 0.92 -5.13 -12.38
N GLY A 309 0.77 -3.80 -12.27
CA GLY A 309 1.82 -2.99 -11.69
C GLY A 309 1.73 -3.03 -10.17
N GLY A 310 2.78 -2.62 -9.49
CA GLY A 310 2.73 -2.64 -8.04
C GLY A 310 3.88 -1.93 -7.39
N ALA A 311 3.80 -1.82 -6.07
CA ALA A 311 4.82 -1.17 -5.27
C ALA A 311 5.13 -2.03 -4.03
N VAL A 312 6.39 -2.44 -3.89
CA VAL A 312 6.79 -3.26 -2.76
C VAL A 312 6.89 -2.46 -1.43
N TRP A 313 6.54 -3.10 -0.33
CA TRP A 313 6.63 -2.53 1.00
C TRP A 313 7.90 -3.22 1.58
N ASN A 314 8.92 -2.48 2.05
CA ASN A 314 8.99 -1.01 2.12
C ASN A 314 10.41 -0.56 1.77
N TYR A 315 10.60 0.69 1.36
CA TYR A 315 11.95 1.21 1.02
C TYR A 315 12.93 1.02 2.19
N LYS A 316 12.61 1.58 3.34
CA LYS A 316 13.50 1.45 4.49
C LYS A 316 12.73 1.43 5.80
N LYS A 317 13.25 0.67 6.76
CA LYS A 317 12.64 0.53 8.06
C LYS A 317 11.27 -0.11 7.93
N MET A 318 10.39 0.12 8.90
CA MET A 318 9.04 -0.46 8.91
C MET A 318 9.05 -1.99 8.96
N ASP A 319 10.19 -2.57 9.36
CA ASP A 319 10.36 -4.02 9.50
C ASP A 319 10.31 -4.81 8.20
N PHE A 320 10.10 -4.13 7.08
CA PHE A 320 10.01 -4.76 5.76
C PHE A 320 11.05 -4.14 4.81
N GLU A 321 12.11 -3.60 5.38
CA GLU A 321 13.14 -2.92 4.60
C GLU A 321 13.72 -3.63 3.42
N ILE A 322 13.86 -2.89 2.31
CA ILE A 322 14.47 -3.40 1.09
C ILE A 322 15.89 -2.81 1.05
N TYR A 323 16.09 -1.67 1.71
CA TYR A 323 17.39 -1.00 1.76
C TYR A 323 17.80 -0.73 3.21
N ASN A 324 19.11 -0.77 3.48
CA ASN A 324 19.61 -0.46 4.83
C ASN A 324 19.57 1.07 4.90
N GLU A 325 19.97 1.63 6.02
CA GLU A 325 20.01 3.09 6.14
C GLU A 325 21.12 3.69 5.30
N ASP A 326 22.08 2.85 4.91
CA ASP A 326 23.19 3.28 4.08
C ASP A 326 22.81 3.32 2.60
N ARG A 327 21.51 3.33 2.31
CA ARG A 327 21.00 3.35 0.93
C ARG A 327 21.57 2.27 0.04
N LYS A 328 21.87 1.13 0.66
CA LYS A 328 22.39 -0.03 -0.06
C LYS A 328 21.35 -1.14 0.09
N PRO A 329 21.09 -1.89 -0.97
CA PRO A 329 20.07 -2.92 -0.82
C PRO A 329 20.49 -4.03 0.14
N VAL A 330 19.50 -4.61 0.81
CA VAL A 330 19.73 -5.73 1.72
C VAL A 330 20.27 -6.87 0.85
N SER A 331 19.78 -6.91 -0.39
CA SER A 331 20.18 -7.91 -1.37
C SER A 331 20.03 -7.28 -2.75
N GLN A 332 21.07 -7.38 -3.57
CA GLN A 332 21.02 -6.82 -4.91
C GLN A 332 20.11 -7.66 -5.81
N GLU A 333 20.09 -8.98 -5.61
CA GLU A 333 19.24 -9.83 -6.43
C GLU A 333 17.78 -9.44 -6.20
N LEU A 334 17.45 -9.17 -4.94
CA LEU A 334 16.09 -8.79 -4.58
C LEU A 334 15.68 -7.49 -5.30
N VAL A 335 16.53 -6.47 -5.25
CA VAL A 335 16.23 -5.20 -5.91
C VAL A 335 16.04 -5.39 -7.41
N ASN A 336 16.84 -6.24 -8.03
CA ASN A 336 16.73 -6.50 -9.46
C ASN A 336 15.37 -7.08 -9.83
N ILE A 337 14.89 -8.02 -9.01
CA ILE A 337 13.60 -8.66 -9.22
C ILE A 337 12.47 -7.64 -9.08
N LEU A 338 12.56 -6.82 -8.04
CA LEU A 338 11.54 -5.82 -7.78
C LEU A 338 11.46 -4.69 -8.80
N ALA A 339 12.59 -4.33 -9.43
CA ALA A 339 12.59 -3.24 -10.41
C ALA A 339 12.10 -3.71 -11.78
N ARG A 340 11.93 -5.03 -11.90
CA ARG A 340 11.46 -5.69 -13.11
C ARG A 340 12.34 -5.45 -14.35
#